data_5FE6
#
_entry.id   5FE6
#
_cell.length_a   99.939
_cell.length_b   99.939
_cell.length_c   99.672
_cell.angle_alpha   90.00
_cell.angle_beta   90.00
_cell.angle_gamma   120.00
#
_symmetry.space_group_name_H-M   'H 3'
#
loop_
_entity.id
_entity.type
_entity.pdbx_description
1 polymer 'Histone acetyltransferase KAT2B'
2 non-polymer 1,2-ETHANEDIOL
3 non-polymer (4-azanylpiperidin-1-yl)-cyclopropyl-methanone
4 non-polymer 'DIMETHYL SULFOXIDE'
5 water water
#
_entity_poly.entity_id   1
_entity_poly.type   'polypeptide(L)'
_entity_poly.pdbx_seq_one_letter_code
;SMGKEKSKEPRDPDQLYSTLKSILQQVKSHQSAWPFMEPVKRTEAPGYYEVIRFPMDLKTMSERLKNRYYVSKKLFMADL
QRVFTNCKEYNPPESEYYKCANILEKFFFSKIKEAGLID
;
_entity_poly.pdbx_strand_id   A,B
#
loop_
_chem_comp.id
_chem_comp.type
_chem_comp.name
_chem_comp.formula
5WZ non-polymer (4-azanylpiperidin-1-yl)-cyclopropyl-methanone 'C9 H16 N2 O'
DMS non-polymer 'DIMETHYL SULFOXIDE' 'C2 H6 O S'
EDO non-polymer 1,2-ETHANEDIOL 'C2 H6 O2'
#
# COMPACT_ATOMS: atom_id res chain seq x y z
N ARG A 11 7.01 18.68 23.49
CA ARG A 11 6.76 19.33 22.15
C ARG A 11 5.86 18.48 21.25
N ASP A 12 4.95 19.12 20.52
CA ASP A 12 4.21 18.44 19.45
C ASP A 12 5.14 17.86 18.35
N PRO A 13 6.17 18.62 17.90
CA PRO A 13 7.25 18.08 17.04
C PRO A 13 8.07 16.94 17.66
N ASP A 14 8.49 17.11 18.92
CA ASP A 14 9.26 16.07 19.60
C ASP A 14 8.39 14.89 20.01
N GLN A 15 7.12 15.13 20.34
CA GLN A 15 6.17 14.04 20.55
C GLN A 15 6.07 13.19 19.26
N LEU A 16 5.85 13.85 18.13
CA LEU A 16 5.71 13.10 16.87
C LEU A 16 6.99 12.31 16.60
N TYR A 17 8.14 12.93 16.76
CA TYR A 17 9.40 12.27 16.58
C TYR A 17 9.52 11.04 17.47
N SER A 18 9.21 11.20 18.75
CA SER A 18 9.31 10.09 19.72
C SER A 18 8.44 8.91 19.35
N THR A 19 7.23 9.21 18.89
CA THR A 19 6.29 8.16 18.54
C THR A 19 6.74 7.45 17.25
N LEU A 20 7.18 8.21 16.28
CA LEU A 20 7.71 7.60 15.05
C LEU A 20 8.94 6.78 15.28
N LYS A 21 9.85 7.28 16.10
CA LYS A 21 11.08 6.55 16.42
C LYS A 21 10.75 5.18 17.04
N SER A 22 9.79 5.17 17.98
CA SER A 22 9.34 3.95 18.63
C SER A 22 8.73 2.97 17.61
N ILE A 23 7.86 3.47 16.75
CA ILE A 23 7.18 2.61 15.77
C ILE A 23 8.23 2.04 14.82
N LEU A 24 9.12 2.90 14.33
CA LEU A 24 10.14 2.45 13.35
C LEU A 24 11.10 1.43 13.98
N GLN A 25 11.50 1.65 15.23
CA GLN A 25 12.37 0.68 15.87
C GLN A 25 11.68 -0.64 16.13
N GLN A 26 10.38 -0.64 16.46
CA GLN A 26 9.68 -1.86 16.65
C GLN A 26 9.55 -2.66 15.33
N VAL A 27 9.24 -1.94 14.28
CA VAL A 27 9.20 -2.52 12.90
C VAL A 27 10.54 -3.16 12.54
N LYS A 28 11.63 -2.42 12.75
CA LYS A 28 12.96 -2.94 12.48
C LYS A 28 13.34 -4.15 13.25
N SER A 29 12.84 -4.28 14.51
CA SER A 29 13.17 -5.45 15.33
C SER A 29 12.39 -6.69 15.01
N HIS A 30 11.36 -6.55 14.20
CA HIS A 30 10.44 -7.65 13.89
C HIS A 30 11.16 -8.72 13.07
N GLN A 31 10.80 -9.99 13.31
CA GLN A 31 11.51 -11.08 12.64
CA GLN A 31 11.48 -11.08 12.63
C GLN A 31 11.22 -11.07 11.12
N SER A 32 10.17 -10.38 10.69
CA SER A 32 9.89 -10.28 9.21
C SER A 32 10.50 -9.06 8.54
N ALA A 33 11.24 -8.22 9.28
CA ALA A 33 11.82 -7.03 8.71
C ALA A 33 13.09 -7.24 7.90
N TRP A 34 13.70 -8.40 8.02
CA TRP A 34 15.06 -8.64 7.54
C TRP A 34 15.27 -8.30 6.05
N PRO A 35 14.27 -8.51 5.20
CA PRO A 35 14.51 -8.15 3.79
C PRO A 35 14.57 -6.66 3.48
N PHE A 36 14.13 -5.84 4.41
CA PHE A 36 13.87 -4.45 4.18
C PHE A 36 14.80 -3.56 4.95
N MET A 37 15.81 -4.16 5.55
CA MET A 37 16.64 -3.42 6.54
C MET A 37 17.56 -2.36 5.88
N GLU A 38 18.02 -2.61 4.65
CA GLU A 38 18.98 -1.73 3.96
C GLU A 38 18.60 -1.69 2.50
N PRO A 39 19.15 -0.73 1.73
CA PRO A 39 18.82 -0.69 0.30
C PRO A 39 19.07 -2.03 -0.39
N VAL A 40 18.17 -2.39 -1.29
CA VAL A 40 18.34 -3.60 -2.09
C VAL A 40 19.73 -3.59 -2.76
N LYS A 41 20.38 -4.73 -2.71
CA LYS A 41 21.75 -4.88 -3.23
CA LYS A 41 21.74 -4.89 -3.24
C LYS A 41 21.66 -5.38 -4.68
N ARG A 42 22.35 -4.70 -5.60
CA ARG A 42 22.28 -5.16 -7.04
C ARG A 42 22.78 -6.58 -7.15
N THR A 43 23.75 -6.92 -6.32
CA THR A 43 24.29 -8.24 -6.36
C THR A 43 23.20 -9.28 -6.10
N GLU A 44 22.17 -8.94 -5.32
CA GLU A 44 21.07 -9.89 -5.06
C GLU A 44 19.91 -9.76 -6.09
N ALA A 45 19.85 -8.63 -6.79
CA ALA A 45 18.76 -8.32 -7.66
C ALA A 45 19.28 -7.46 -8.82
N PRO A 46 20.04 -8.06 -9.75
CA PRO A 46 20.83 -7.23 -10.65
C PRO A 46 20.06 -6.14 -11.42
N GLY A 47 18.84 -6.40 -11.83
CA GLY A 47 18.08 -5.38 -12.59
C GLY A 47 17.05 -4.60 -11.78
N TYR A 48 17.18 -4.70 -10.48
CA TYR A 48 16.20 -4.04 -9.57
C TYR A 48 16.01 -2.59 -9.82
N TYR A 49 17.10 -1.86 -9.89
CA TYR A 49 17.05 -0.44 -10.00
C TYR A 49 16.69 0.03 -11.41
N GLU A 50 16.67 -0.88 -12.37
CA GLU A 50 16.08 -0.58 -13.69
C GLU A 50 14.55 -0.61 -13.64
N VAL A 51 14.01 -1.26 -12.61
CA VAL A 51 12.58 -1.53 -12.53
C VAL A 51 11.86 -0.72 -11.45
N ILE A 52 12.47 -0.66 -10.26
CA ILE A 52 11.91 0.07 -9.13
C ILE A 52 12.45 1.47 -9.11
N ARG A 53 11.57 2.43 -9.35
CA ARG A 53 11.97 3.83 -9.54
C ARG A 53 12.08 4.59 -8.24
N PHE A 54 11.36 4.16 -7.20
CA PHE A 54 11.46 4.81 -5.92
C PHE A 54 11.83 3.78 -4.83
N PRO A 55 13.09 3.35 -4.82
CA PRO A 55 13.54 2.42 -3.74
C PRO A 55 13.37 3.02 -2.38
N MET A 56 13.06 2.17 -1.40
CA MET A 56 12.99 2.62 -0.02
C MET A 56 13.27 1.42 0.87
N ASP A 57 13.77 1.70 2.07
CA ASP A 57 14.23 0.68 3.02
C ASP A 57 14.24 1.32 4.42
N LEU A 58 14.40 0.48 5.44
CA LEU A 58 14.29 0.93 6.80
C LEU A 58 15.49 1.72 7.28
N LYS A 59 16.66 1.46 6.70
CA LYS A 59 17.87 2.30 7.05
C LYS A 59 17.68 3.72 6.54
N THR A 60 17.26 3.84 5.30
CA THR A 60 16.93 5.12 4.73
C THR A 60 15.86 5.79 5.56
N MET A 61 14.80 5.08 6.01
CA MET A 61 13.84 5.72 6.90
C MET A 61 14.42 6.17 8.23
N SER A 62 15.33 5.38 8.78
CA SER A 62 15.96 5.73 10.05
C SER A 62 16.74 7.04 9.92
N GLU A 63 17.46 7.18 8.81
CA GLU A 63 18.19 8.41 8.53
C GLU A 63 17.24 9.58 8.29
N ARG A 64 16.19 9.38 7.45
CA ARG A 64 15.17 10.41 7.25
C ARG A 64 14.61 10.90 8.60
N LEU A 65 14.32 9.96 9.52
CA LEU A 65 13.76 10.30 10.81
C LEU A 65 14.76 11.17 11.56
N LYS A 66 16.00 10.72 11.59
CA LYS A 66 17.08 11.42 12.32
C LYS A 66 17.30 12.83 11.74
N ASN A 67 17.08 12.98 10.45
CA ASN A 67 17.17 14.26 9.76
C ASN A 67 15.90 15.12 9.82
N ARG A 68 14.95 14.74 10.67
CA ARG A 68 13.73 15.50 10.88
C ARG A 68 12.87 15.70 9.63
N TYR A 69 12.91 14.70 8.75
CA TYR A 69 12.09 14.71 7.56
C TYR A 69 10.61 14.47 7.85
N TYR A 70 10.33 13.60 8.81
CA TYR A 70 8.96 13.14 9.02
C TYR A 70 8.22 14.13 9.93
N VAL A 71 7.80 15.24 9.33
CA VAL A 71 7.06 16.25 10.01
C VAL A 71 5.55 15.94 10.10
N SER A 72 5.11 14.87 9.44
CA SER A 72 3.73 14.41 9.49
C SER A 72 3.65 12.89 9.43
N LYS A 73 2.55 12.38 9.93
CA LYS A 73 2.21 10.97 9.79
C LYS A 73 2.20 10.56 8.31
N LYS A 74 1.63 11.41 7.48
CA LYS A 74 1.48 11.11 6.07
C LYS A 74 2.82 10.78 5.39
N LEU A 75 3.86 11.54 5.72
CA LEU A 75 5.16 11.35 5.06
C LEU A 75 5.79 10.02 5.49
N PHE A 76 5.60 9.69 6.76
CA PHE A 76 6.15 8.45 7.34
C PHE A 76 5.43 7.23 6.77
N MET A 77 4.11 7.28 6.72
CA MET A 77 3.35 6.21 6.13
C MET A 77 3.70 6.02 4.66
N ALA A 78 3.89 7.10 3.91
CA ALA A 78 4.19 6.96 2.47
C ALA A 78 5.51 6.19 2.27
N ASP A 79 6.50 6.45 3.12
CA ASP A 79 7.79 5.79 2.95
C ASP A 79 7.72 4.29 3.34
N LEU A 80 7.12 3.99 4.47
CA LEU A 80 6.98 2.59 4.83
C LEU A 80 6.10 1.85 3.81
N GLN A 81 5.00 2.47 3.42
CA GLN A 81 4.14 1.83 2.44
CA GLN A 81 4.10 1.86 2.45
C GLN A 81 4.88 1.56 1.12
N ARG A 82 5.80 2.44 0.71
CA ARG A 82 6.61 2.24 -0.45
C ARG A 82 7.56 1.04 -0.37
N VAL A 83 8.04 0.76 0.83
CA VAL A 83 8.86 -0.45 1.01
C VAL A 83 8.02 -1.66 0.60
N PHE A 84 6.77 -1.66 1.10
CA PHE A 84 5.86 -2.78 0.82
C PHE A 84 5.43 -2.86 -0.65
N THR A 85 5.10 -1.73 -1.25
CA THR A 85 4.65 -1.73 -2.65
C THR A 85 5.78 -2.10 -3.60
N ASN A 86 6.99 -1.62 -3.31
CA ASN A 86 8.15 -2.06 -4.11
C ASN A 86 8.28 -3.58 -4.05
N CYS A 87 8.15 -4.14 -2.85
CA CYS A 87 8.34 -5.54 -2.66
C CYS A 87 7.30 -6.32 -3.48
N LYS A 88 6.04 -5.88 -3.41
CA LYS A 88 4.95 -6.62 -4.09
C LYS A 88 5.01 -6.41 -5.62
N GLU A 89 5.50 -5.27 -6.07
CA GLU A 89 5.73 -5.03 -7.50
C GLU A 89 6.84 -5.90 -8.04
N TYR A 90 7.88 -6.08 -7.24
CA TYR A 90 9.01 -6.80 -7.74
C TYR A 90 8.92 -8.32 -7.65
N ASN A 91 8.36 -8.85 -6.57
CA ASN A 91 8.43 -10.24 -6.22
C ASN A 91 7.07 -10.96 -6.39
N PRO A 92 7.10 -12.24 -6.76
CA PRO A 92 5.86 -13.06 -6.79
C PRO A 92 5.22 -13.30 -5.38
N PRO A 93 3.90 -13.50 -5.32
CA PRO A 93 3.10 -13.51 -4.10
C PRO A 93 3.46 -14.63 -3.12
N GLU A 94 4.04 -15.70 -3.62
CA GLU A 94 4.34 -16.80 -2.76
C GLU A 94 5.86 -16.80 -2.42
N SER A 95 6.60 -15.74 -2.81
CA SER A 95 7.95 -15.56 -2.38
C SER A 95 7.97 -15.21 -0.90
N GLU A 96 9.04 -15.58 -0.23
CA GLU A 96 9.23 -15.23 1.14
C GLU A 96 9.21 -13.70 1.34
N TYR A 97 9.72 -12.94 0.38
CA TYR A 97 9.71 -11.47 0.52
C TYR A 97 8.29 -10.91 0.59
N TYR A 98 7.43 -11.34 -0.34
CA TYR A 98 6.06 -10.90 -0.34
C TYR A 98 5.39 -11.28 0.98
N LYS A 99 5.64 -12.52 1.45
CA LYS A 99 5.03 -13.00 2.67
C LYS A 99 5.47 -12.10 3.85
N CYS A 100 6.78 -11.82 3.92
CA CYS A 100 7.29 -10.91 4.93
C CYS A 100 6.65 -9.53 4.86
N ALA A 101 6.53 -8.99 3.66
CA ALA A 101 5.88 -7.69 3.52
C ALA A 101 4.49 -7.64 4.18
N ASN A 102 3.66 -8.65 3.90
CA ASN A 102 2.31 -8.64 4.45
C ASN A 102 2.24 -8.87 5.97
N ILE A 103 3.16 -9.67 6.49
CA ILE A 103 3.25 -9.90 7.93
C ILE A 103 3.68 -8.55 8.59
N LEU A 104 4.73 -7.94 8.04
CA LEU A 104 5.26 -6.71 8.64
C LEU A 104 4.30 -5.58 8.51
N GLU A 105 3.57 -5.50 7.38
CA GLU A 105 2.52 -4.50 7.24
C GLU A 105 1.43 -4.65 8.32
N LYS A 106 0.92 -5.85 8.56
CA LYS A 106 -0.04 -6.06 9.65
C LYS A 106 0.49 -5.51 10.97
N PHE A 107 1.74 -5.83 11.26
CA PHE A 107 2.39 -5.40 12.51
C PHE A 107 2.50 -3.87 12.57
N PHE A 108 2.93 -3.28 11.48
CA PHE A 108 3.01 -1.82 11.32
C PHE A 108 1.69 -1.15 11.61
N PHE A 109 0.62 -1.62 10.97
CA PHE A 109 -0.68 -1.00 11.20
C PHE A 109 -1.12 -1.11 12.68
N SER A 110 -0.84 -2.26 13.31
CA SER A 110 -1.20 -2.44 14.71
CA SER A 110 -1.15 -2.47 14.73
C SER A 110 -0.45 -1.43 15.57
N LYS A 111 0.82 -1.18 15.25
CA LYS A 111 1.60 -0.17 15.97
C LYS A 111 1.14 1.25 15.75
N ILE A 112 0.78 1.61 14.52
CA ILE A 112 0.12 2.92 14.24
C ILE A 112 -1.16 3.11 15.11
N LYS A 113 -1.97 2.07 15.20
CA LYS A 113 -3.22 2.13 15.96
C LYS A 113 -2.96 2.18 17.48
N GLU A 114 -2.09 1.32 17.96
CA GLU A 114 -1.71 1.30 19.35
C GLU A 114 -1.21 2.69 19.80
N ALA A 115 -0.48 3.41 18.95
CA ALA A 115 0.04 4.76 19.26
C ALA A 115 -0.97 5.91 19.07
N GLY A 116 -2.16 5.63 18.56
CA GLY A 116 -3.16 6.67 18.33
C GLY A 116 -2.76 7.66 17.26
N LEU A 117 -1.81 7.28 16.41
CA LEU A 117 -1.28 8.22 15.43
C LEU A 117 -2.28 8.62 14.35
N ILE A 118 -2.41 9.94 14.20
CA ILE A 118 -3.38 10.62 13.35
C ILE A 118 -2.69 11.80 12.65
N ASP A 119 -3.22 12.35 11.55
CA ASP A 119 -2.44 13.36 10.80
CA ASP A 119 -2.54 13.40 10.75
C ASP A 119 -2.52 14.72 11.48
N PRO B 10 -7.23 0.24 -29.42
CA PRO B 10 -6.88 0.93 -30.66
C PRO B 10 -5.86 2.07 -30.43
N ARG B 11 -6.30 3.35 -30.43
CA ARG B 11 -5.44 4.47 -30.03
C ARG B 11 -4.73 4.17 -28.70
N ASP B 12 -3.47 4.60 -28.54
CA ASP B 12 -2.70 4.41 -27.28
C ASP B 12 -3.51 4.82 -26.02
N PRO B 13 -4.30 5.93 -26.12
CA PRO B 13 -5.31 6.28 -25.10
C PRO B 13 -6.42 5.25 -24.93
N ASP B 14 -6.99 4.78 -26.05
CA ASP B 14 -8.02 3.74 -25.95
C ASP B 14 -7.48 2.36 -25.58
N GLN B 15 -6.25 2.05 -25.98
CA GLN B 15 -5.58 0.86 -25.48
C GLN B 15 -5.44 0.88 -23.94
N LEU B 16 -4.95 1.99 -23.41
CA LEU B 16 -4.84 2.10 -21.96
C LEU B 16 -6.20 1.94 -21.31
N TYR B 17 -7.20 2.64 -21.83
CA TYR B 17 -8.57 2.56 -21.29
C TYR B 17 -9.08 1.13 -21.31
N SER B 18 -8.90 0.44 -22.44
CA SER B 18 -9.33 -0.94 -22.58
C SER B 18 -8.67 -1.87 -21.57
N THR B 19 -7.37 -1.69 -21.37
CA THR B 19 -6.61 -2.53 -20.42
C THR B 19 -7.06 -2.28 -18.99
N LEU B 20 -7.25 -1.01 -18.65
CA LEU B 20 -7.72 -0.67 -17.31
C LEU B 20 -9.13 -1.14 -17.06
N LYS B 21 -10.00 -0.96 -18.05
CA LYS B 21 -11.36 -1.44 -17.92
C LYS B 21 -11.38 -2.95 -17.67
N SER B 22 -10.53 -3.68 -18.37
CA SER B 22 -10.47 -5.12 -18.19
C SER B 22 -10.01 -5.48 -16.79
N ILE B 23 -8.96 -4.79 -16.31
CA ILE B 23 -8.41 -5.06 -14.97
C ILE B 23 -9.43 -4.74 -13.90
N LEU B 24 -10.08 -3.59 -14.02
CA LEU B 24 -11.09 -3.19 -13.04
C LEU B 24 -12.30 -4.14 -13.01
N GLN B 25 -12.78 -4.56 -14.19
CA GLN B 25 -13.86 -5.51 -14.25
C GLN B 25 -13.51 -6.84 -13.59
N GLN B 26 -12.30 -7.34 -13.83
CA GLN B 26 -11.87 -8.56 -13.16
C GLN B 26 -11.76 -8.44 -11.65
N VAL B 27 -11.24 -7.31 -11.21
CA VAL B 27 -11.20 -7.04 -9.77
C VAL B 27 -12.61 -7.01 -9.16
N LYS B 28 -13.54 -6.26 -9.80
CA LYS B 28 -14.90 -6.14 -9.27
C LYS B 28 -15.68 -7.42 -9.24
N SER B 29 -15.37 -8.32 -10.16
CA SER B 29 -15.96 -9.65 -10.22
CA SER B 29 -16.04 -9.62 -10.18
C SER B 29 -15.42 -10.68 -9.27
N HIS B 30 -14.28 -10.37 -8.63
CA HIS B 30 -13.59 -11.26 -7.77
C HIS B 30 -14.39 -11.47 -6.53
N GLN B 31 -14.35 -12.68 -6.01
CA GLN B 31 -15.09 -13.06 -4.82
C GLN B 31 -14.68 -12.32 -3.56
N SER B 32 -13.47 -11.73 -3.51
CA SER B 32 -13.05 -10.93 -2.40
C SER B 32 -13.24 -9.41 -2.55
N ALA B 33 -13.94 -8.98 -3.63
CA ALA B 33 -14.17 -7.57 -3.88
C ALA B 33 -15.31 -6.91 -3.09
N TRP B 34 -16.16 -7.71 -2.44
CA TRP B 34 -17.45 -7.21 -1.91
C TRP B 34 -17.32 -6.13 -0.85
N PRO B 35 -16.23 -6.15 -0.05
CA PRO B 35 -16.13 -5.05 0.94
C PRO B 35 -15.86 -3.68 0.31
N PHE B 36 -15.45 -3.68 -0.94
CA PHE B 36 -14.85 -2.52 -1.58
C PHE B 36 -15.75 -1.94 -2.64
N MET B 37 -16.96 -2.45 -2.75
CA MET B 37 -17.80 -2.12 -3.91
C MET B 37 -18.38 -0.72 -3.87
N GLU B 38 -18.55 -0.13 -2.67
CA GLU B 38 -19.11 1.20 -2.54
C GLU B 38 -18.41 1.99 -1.44
N PRO B 39 -18.54 3.32 -1.45
CA PRO B 39 -17.90 4.10 -0.38
C PRO B 39 -18.22 3.60 1.04
N VAL B 40 -17.24 3.64 1.93
CA VAL B 40 -17.49 3.33 3.35
C VAL B 40 -18.56 4.30 3.93
N LYS B 41 -19.49 3.75 4.70
CA LYS B 41 -20.58 4.53 5.32
C LYS B 41 -20.17 4.97 6.73
N ARG B 42 -20.31 6.25 7.02
CA ARG B 42 -19.96 6.78 8.35
CA ARG B 42 -19.94 6.77 8.34
C ARG B 42 -20.67 6.01 9.44
N THR B 43 -21.94 5.68 9.16
CA THR B 43 -22.77 5.01 10.12
C THR B 43 -22.20 3.65 10.50
N GLU B 44 -21.50 3.00 9.58
CA GLU B 44 -20.98 1.66 9.86
C GLU B 44 -19.52 1.64 10.23
N ALA B 45 -18.85 2.79 10.23
CA ALA B 45 -17.43 2.81 10.53
C ALA B 45 -17.02 3.98 11.39
N PRO B 46 -17.17 3.81 12.72
CA PRO B 46 -16.88 4.86 13.67
C PRO B 46 -15.48 5.40 13.44
N GLY B 47 -15.37 6.66 13.08
CA GLY B 47 -14.08 7.31 13.06
C GLY B 47 -13.32 7.13 11.77
N TYR B 48 -13.92 6.41 10.83
CA TYR B 48 -13.27 6.12 9.57
C TYR B 48 -12.75 7.38 8.91
N TYR B 49 -13.63 8.35 8.72
CA TYR B 49 -13.27 9.53 7.94
C TYR B 49 -12.38 10.48 8.72
N GLU B 50 -12.21 10.25 10.01
CA GLU B 50 -11.22 10.99 10.81
C GLU B 50 -9.83 10.39 10.68
N VAL B 51 -9.72 9.14 10.25
CA VAL B 51 -8.38 8.52 10.09
C VAL B 51 -7.98 8.33 8.62
N ILE B 52 -8.95 8.01 7.76
CA ILE B 52 -8.69 7.78 6.37
C ILE B 52 -8.97 9.03 5.55
N ARG B 53 -7.90 9.66 5.07
CA ARG B 53 -8.01 10.96 4.41
C ARG B 53 -8.39 10.89 2.93
N PHE B 54 -8.12 9.77 2.28
CA PHE B 54 -8.41 9.63 0.88
C PHE B 54 -9.13 8.33 0.65
N PRO B 55 -10.43 8.29 1.00
CA PRO B 55 -11.22 7.10 0.75
C PRO B 55 -11.29 6.75 -0.73
N MET B 56 -11.41 5.46 -1.01
CA MET B 56 -11.57 5.03 -2.38
C MET B 56 -12.31 3.70 -2.36
N ASP B 57 -13.03 3.39 -3.46
CA ASP B 57 -13.80 2.23 -3.59
C ASP B 57 -13.94 1.95 -5.08
N LEU B 58 -14.44 0.78 -5.40
CA LEU B 58 -14.45 0.33 -6.77
C LEU B 58 -15.61 0.97 -7.62
N LYS B 59 -16.67 1.43 -6.96
CA LYS B 59 -17.71 2.16 -7.66
C LYS B 59 -17.18 3.52 -8.13
N THR B 60 -16.50 4.21 -7.23
CA THR B 60 -15.82 5.46 -7.57
C THR B 60 -14.75 5.24 -8.66
N MET B 61 -13.96 4.16 -8.58
CA MET B 61 -13.01 3.92 -9.68
C MET B 61 -13.67 3.74 -11.03
N SER B 62 -14.79 3.03 -11.04
CA SER B 62 -15.51 2.78 -12.27
C SER B 62 -15.90 4.12 -12.87
N GLU B 63 -16.39 5.02 -12.01
CA GLU B 63 -16.79 6.37 -12.45
C GLU B 63 -15.62 7.11 -13.04
N ARG B 64 -14.50 7.16 -12.25
CA ARG B 64 -13.30 7.81 -12.69
C ARG B 64 -12.85 7.26 -14.05
N LEU B 65 -12.91 5.95 -14.25
CA LEU B 65 -12.46 5.35 -15.50
C LEU B 65 -13.33 5.80 -16.67
N LYS B 66 -14.64 5.75 -16.44
CA LYS B 66 -15.65 6.16 -17.43
C LYS B 66 -15.50 7.65 -17.76
N ASN B 67 -15.11 8.42 -16.75
CA ASN B 67 -14.86 9.86 -16.91
C ASN B 67 -13.50 10.23 -17.54
N ARG B 68 -12.72 9.24 -17.98
CA ARG B 68 -11.44 9.44 -18.63
C ARG B 68 -10.46 10.16 -17.69
N TYR B 69 -10.56 9.85 -16.41
CA TYR B 69 -9.63 10.40 -15.40
C TYR B 69 -8.29 9.68 -15.43
N TYR B 70 -8.31 8.38 -15.74
CA TYR B 70 -7.09 7.55 -15.64
C TYR B 70 -6.25 7.64 -16.93
N VAL B 71 -5.62 8.80 -17.08
CA VAL B 71 -4.83 9.08 -18.27
C VAL B 71 -3.43 8.44 -18.19
N SER B 72 -3.11 7.84 -17.04
CA SER B 72 -1.86 7.12 -16.83
C SER B 72 -2.14 5.91 -16.00
N LYS B 73 -1.31 4.91 -16.20
CA LYS B 73 -1.38 3.76 -15.40
C LYS B 73 -1.11 4.08 -13.93
N LYS B 74 -0.27 5.07 -13.67
CA LYS B 74 0.09 5.47 -12.32
C LYS B 74 -1.12 5.91 -11.50
N LEU B 75 -1.97 6.71 -12.10
CA LEU B 75 -3.16 7.20 -11.41
C LEU B 75 -4.10 6.06 -11.05
N PHE B 76 -4.27 5.10 -11.96
CA PHE B 76 -5.09 3.94 -11.70
C PHE B 76 -4.55 3.05 -10.64
N MET B 77 -3.25 2.73 -10.69
CA MET B 77 -2.67 1.94 -9.65
C MET B 77 -2.70 2.61 -8.30
N ALA B 78 -2.52 3.92 -8.24
CA ALA B 78 -2.56 4.62 -6.95
C ALA B 78 -3.94 4.48 -6.29
N ASP B 79 -5.01 4.56 -7.09
CA ASP B 79 -6.35 4.50 -6.52
C ASP B 79 -6.66 3.07 -6.02
N LEU B 80 -6.34 2.08 -6.82
CA LEU B 80 -6.61 0.72 -6.43
C LEU B 80 -5.79 0.29 -5.24
N GLN B 81 -4.52 0.69 -5.24
CA GLN B 81 -3.70 0.41 -4.08
C GLN B 81 -4.24 1.03 -2.79
N ARG B 82 -4.80 2.24 -2.92
CA ARG B 82 -5.40 2.92 -1.76
C ARG B 82 -6.65 2.22 -1.20
N VAL B 83 -7.41 1.55 -2.06
CA VAL B 83 -8.57 0.78 -1.59
C VAL B 83 -8.07 -0.22 -0.54
N PHE B 84 -6.93 -0.88 -0.87
CA PHE B 84 -6.38 -1.95 -0.01
C PHE B 84 -5.71 -1.41 1.23
N THR B 85 -4.93 -0.37 1.07
CA THR B 85 -4.18 0.16 2.21
C THR B 85 -5.09 0.89 3.18
N ASN B 86 -6.15 1.56 2.67
CA ASN B 86 -7.13 2.13 3.58
C ASN B 86 -7.77 1.06 4.43
N CYS B 87 -8.16 -0.04 3.78
CA CYS B 87 -8.82 -1.12 4.49
C CYS B 87 -7.89 -1.69 5.59
N LYS B 88 -6.63 -1.88 5.23
CA LYS B 88 -5.68 -2.51 6.15
C LYS B 88 -5.26 -1.62 7.31
N GLU B 89 -5.28 -0.31 7.10
CA GLU B 89 -5.08 0.58 8.22
C GLU B 89 -6.18 0.54 9.25
N TYR B 90 -7.40 0.52 8.76
CA TYR B 90 -8.56 0.73 9.60
C TYR B 90 -9.03 -0.53 10.31
N ASN B 91 -9.00 -1.68 9.62
CA ASN B 91 -9.58 -2.90 10.16
C ASN B 91 -8.60 -3.81 10.91
N PRO B 92 -9.10 -4.57 11.90
CA PRO B 92 -8.15 -5.47 12.59
C PRO B 92 -7.52 -6.52 11.64
N PRO B 93 -6.29 -6.99 11.95
CA PRO B 93 -5.47 -7.71 10.98
C PRO B 93 -6.02 -9.10 10.60
N GLU B 94 -6.81 -9.67 11.48
CA GLU B 94 -7.41 -10.95 11.21
C GLU B 94 -8.88 -10.83 10.90
N SER B 95 -9.37 -9.61 10.65
CA SER B 95 -10.74 -9.42 10.23
C SER B 95 -10.93 -9.96 8.83
N GLU B 96 -12.15 -10.34 8.51
CA GLU B 96 -12.47 -10.75 7.15
C GLU B 96 -12.15 -9.66 6.11
N TYR B 97 -12.38 -8.40 6.45
CA TYR B 97 -12.08 -7.32 5.50
C TYR B 97 -10.58 -7.29 5.17
N TYR B 98 -9.76 -7.37 6.18
CA TYR B 98 -8.32 -7.38 5.99
C TYR B 98 -7.90 -8.54 5.11
N LYS B 99 -8.43 -9.74 5.40
CA LYS B 99 -8.16 -10.94 4.60
C LYS B 99 -8.53 -10.74 3.14
N CYS B 100 -9.73 -10.17 2.90
CA CYS B 100 -10.16 -9.84 1.56
C CYS B 100 -9.22 -8.86 0.89
N ALA B 101 -8.82 -7.80 1.58
CA ALA B 101 -7.90 -6.86 1.03
C ALA B 101 -6.62 -7.51 0.52
N ASN B 102 -6.04 -8.41 1.29
CA ASN B 102 -4.78 -9.01 0.85
C ASN B 102 -4.93 -9.99 -0.28
N ILE B 103 -6.06 -10.70 -0.29
CA ILE B 103 -6.36 -11.63 -1.38
C ILE B 103 -6.51 -10.81 -2.65
N LEU B 104 -7.35 -9.77 -2.59
CA LEU B 104 -7.64 -9.00 -3.79
C LEU B 104 -6.42 -8.22 -4.25
N GLU B 105 -5.62 -7.71 -3.30
CA GLU B 105 -4.35 -7.09 -3.64
C GLU B 105 -3.38 -8.04 -4.37
N LYS B 106 -3.25 -9.29 -3.92
CA LYS B 106 -2.45 -10.25 -4.65
C LYS B 106 -2.92 -10.39 -6.07
N PHE B 107 -4.25 -10.47 -6.24
CA PHE B 107 -4.86 -10.58 -7.57
C PHE B 107 -4.57 -9.37 -8.43
N PHE B 108 -4.72 -8.15 -7.88
CA PHE B 108 -4.39 -6.91 -8.53
C PHE B 108 -2.95 -6.93 -9.04
N PHE B 109 -1.97 -7.23 -8.16
CA PHE B 109 -0.57 -7.20 -8.61
C PHE B 109 -0.33 -8.20 -9.75
N SER B 110 -0.96 -9.36 -9.66
CA SER B 110 -0.83 -10.34 -10.71
CA SER B 110 -0.89 -10.38 -10.70
C SER B 110 -1.38 -9.83 -12.04
N LYS B 111 -2.54 -9.17 -12.02
CA LYS B 111 -3.13 -8.62 -13.23
C LYS B 111 -2.30 -7.49 -13.82
N ILE B 112 -1.80 -6.58 -12.99
CA ILE B 112 -1.02 -5.50 -13.58
C ILE B 112 0.29 -6.00 -14.15
N LYS B 113 0.87 -7.05 -13.55
CA LYS B 113 2.06 -7.67 -14.13
C LYS B 113 1.69 -8.35 -15.46
N GLU B 114 0.62 -9.13 -15.43
CA GLU B 114 0.13 -9.81 -16.66
C GLU B 114 0.07 -8.84 -17.83
N ALA B 115 -0.50 -7.67 -17.56
CA ALA B 115 -0.79 -6.66 -18.61
C ALA B 115 0.42 -5.79 -19.00
N GLY B 116 1.56 -5.99 -18.36
CA GLY B 116 2.78 -5.23 -18.68
C GLY B 116 2.70 -3.77 -18.24
N LEU B 117 1.80 -3.49 -17.30
CA LEU B 117 1.70 -2.19 -16.63
C LEU B 117 2.83 -1.86 -15.63
N ILE B 118 3.60 -2.84 -15.21
CA ILE B 118 4.89 -2.59 -14.49
C ILE B 118 5.94 -3.56 -15.01
N ASP B 119 7.21 -3.12 -15.03
CA ASP B 119 8.33 -3.80 -15.73
C ASP B 119 8.97 -4.93 -14.94
C1 EDO C . 8.92 16.70 13.74
O1 EDO C . 9.19 15.60 14.61
C2 EDO C . 10.24 17.22 13.20
O2 EDO C . 10.50 18.50 13.79
C1 EDO D . 15.51 -8.84 11.01
O1 EDO D . 14.16 -9.34 10.95
C2 EDO D . 15.49 -7.39 11.40
O2 EDO D . 15.64 -7.34 12.83
C1 EDO E . 12.83 -17.13 -2.82
O1 EDO E . 13.55 -15.98 -3.33
C2 EDO E . 11.82 -16.56 -1.84
O2 EDO E . 10.77 -17.41 -1.47
C1 EDO F . 22.88 -0.95 -3.33
O1 EDO F . 23.37 -1.81 -2.28
C2 EDO F . 23.24 -1.44 -4.74
O2 EDO F . 24.09 -2.59 -4.76
C1 EDO G . 21.75 2.00 -3.97
O1 EDO G . 20.44 2.26 -3.42
C2 EDO G . 22.12 3.08 -4.99
O2 EDO G . 21.78 2.66 -6.32
C1 EDO H . 2.17 -0.29 -7.50
O1 EDO H . 2.79 1.00 -7.45
C2 EDO H . 0.69 -0.17 -7.11
O2 EDO H . 0.50 0.49 -5.85
C1 EDO I . 16.81 -9.06 1.15
O1 EDO I . 16.60 -7.76 0.55
C2 EDO I . 17.94 -9.90 0.56
O2 EDO I . 17.47 -11.27 0.27
C1 EDO J . 6.14 -5.38 20.03
O1 EDO J . 7.48 -5.60 19.45
C2 EDO J . 5.27 -6.66 19.89
O2 EDO J . 3.86 -6.40 20.15
C4 5WZ K . 16.45 -9.73 -3.42
C5 5WZ K . 13.58 -7.40 -2.61
C6 5WZ K . 13.57 -7.43 -1.18
N1 5WZ K . 14.62 -8.01 -3.25
C7 5WZ K . 12.25 -7.22 -0.52
C8 5WZ K . 13.25 -6.13 -0.50
O 5WZ K . 12.62 -6.92 -3.20
C2 5WZ K . 14.78 -8.08 -4.70
C1 5WZ K . 14.65 -9.53 -5.20
C3 5WZ K . 15.72 -8.70 -2.54
C 5WZ K . 15.49 -10.46 -4.34
N 5WZ K . 16.20 -11.46 -5.14
C1 EDO L . -15.53 -0.45 -15.47
O1 EDO L . -15.93 -0.11 -14.15
C2 EDO L . -14.74 -1.73 -15.60
O2 EDO L . -15.63 -2.77 -15.95
C1 EDO M . -13.57 -9.07 -17.00
O1 EDO M . -12.64 -9.62 -17.95
C2 EDO M . -14.08 -10.13 -16.02
O2 EDO M . -15.09 -9.51 -15.19
S DMS N . -14.17 -1.17 5.03
O DMS N . -12.75 -1.07 5.48
C1 DMS N . -14.61 -2.75 4.59
C2 DMS N . -15.09 -0.71 6.41
#